data_7ARG
#
_entry.id   7ARG
#
_cell.length_a   59.730
_cell.length_b   71.780
_cell.length_c   78.020
_cell.angle_alpha   90.000
_cell.angle_beta   90.000
_cell.angle_gamma   90.000
#
_symmetry.space_group_name_H-M   'P 21 21 21'
#
loop_
_entity.id
_entity.type
_entity.pdbx_description
1 polymer 'Palmitoleoyl-protein carboxylesterase NOTUM'
2 non-polymer 2-acetamido-2-deoxy-beta-D-glucopyranose
3 non-polymer 'SULFATE ION'
4 non-polymer 'DIMETHYL SULFOXIDE'
5 non-polymer 1,2-ETHANEDIOL
6 non-polymer 'methyl 4-(2,3-dihydroindol-1-yl)-4-oxidanylidene-butanoate'
7 water water
#
_entity_poly.entity_id   1
_entity_poly.type   'polypeptide(L)'
_entity_poly.pdbx_seq_one_letter_code
;ETGSAQQLNEDLRLHLLLNTSVTCNDGSPAGYYLKESRGSRRWLLFLEGGWYCFNRENCDSRYDTMRRLMSSRDWPRTRT
GTGILSSQPEENPYWWNANMVFIPYCSSDVWSGASSKSEKNEYAFMGALIIQEVVRELLGRGLSGAKVLLLAGSSAGGTG
VLLNVDRVAEQLEKLGYPAIQVRGLADSGWFLDNKQYRHTDCVDTITCAPTEAIRRGIRYWNGVVPERCRRQFQEGEEWN
CFFGYKVYPTLRSPVFVVQWLFDEAQLTVDNVHLTGQPVQEGLRLYIQNLGRELRHTLKDVPASFAPACLSHEIIIRSHW
TDVQVKGTSLPRALHCWDRSLHDSHKASKTPLKGCPVHLVDSCPWPHCNPSCPTGTKHHHHHH
;
_entity_poly.pdbx_strand_id   A
#
loop_
_chem_comp.id
_chem_comp.type
_chem_comp.name
_chem_comp.formula
DMS non-polymer 'DIMETHYL SULFOXIDE' 'C2 H6 O S'
EDO non-polymer 1,2-ETHANEDIOL 'C2 H6 O2'
NAG D-saccharide, beta linking 2-acetamido-2-deoxy-beta-D-glucopyranose 'C8 H15 N O6'
RW8 non-polymer 'methyl 4-(2,3-dihydroindol-1-yl)-4-oxidanylidene-butanoate' 'C13 H15 N O3'
SO4 non-polymer 'SULFATE ION' 'O4 S -2'
#
# COMPACT_ATOMS: atom_id res chain seq x y z
N ASP A 11 13.58 17.31 5.12
CA ASP A 11 12.42 16.97 5.94
C ASP A 11 11.09 17.30 5.21
N LEU A 12 10.08 16.54 5.54
CA LEU A 12 8.71 16.79 5.11
C LEU A 12 7.97 17.44 6.25
N ARG A 13 7.16 18.46 5.95
CA ARG A 13 6.51 19.27 6.99
C ARG A 13 5.04 18.89 7.11
N LEU A 14 4.56 18.81 8.34
CA LEU A 14 3.17 18.43 8.58
C LEU A 14 2.21 19.57 8.24
N HIS A 15 1.15 19.19 7.53
CA HIS A 15 -0.04 20.02 7.34
C HIS A 15 -1.23 19.21 7.80
N LEU A 16 -1.93 19.70 8.83
CA LEU A 16 -3.19 19.09 9.21
C LEU A 16 -4.26 19.57 8.23
N LEU A 17 -5.20 18.69 7.91
CA LEU A 17 -6.20 19.05 6.92
C LEU A 17 -6.98 20.27 7.37
N LEU A 18 -7.21 21.18 6.42
CA LEU A 18 -8.00 22.37 6.68
C LEU A 18 -9.46 22.01 6.85
N ASN A 19 -9.89 20.92 6.22
CA ASN A 19 -11.25 20.42 6.43
C ASN A 19 -11.16 19.50 7.63
N THR A 20 -11.45 20.04 8.80
CA THR A 20 -11.25 19.25 10.02
C THR A 20 -12.35 18.22 10.27
N SER A 21 -13.36 18.13 9.38
CA SER A 21 -14.30 17.00 9.39
C SER A 21 -13.70 15.70 8.87
N VAL A 22 -12.53 15.75 8.27
CA VAL A 22 -11.89 14.55 7.74
C VAL A 22 -10.85 14.18 8.79
N THR A 23 -11.11 13.10 9.53
CA THR A 23 -10.42 12.88 10.78
C THR A 23 -9.79 11.51 10.84
N CYS A 24 -8.81 11.40 11.74
CA CYS A 24 -8.30 10.15 12.26
C CYS A 24 -9.36 9.45 13.10
N ASN A 25 -9.03 8.25 13.58
CA ASN A 25 -10.03 7.45 14.30
C ASN A 25 -10.67 8.20 15.46
N ASP A 26 -9.89 8.97 16.21
CA ASP A 26 -10.39 9.61 17.42
C ASP A 26 -10.98 10.99 17.18
N GLY A 27 -11.16 11.41 15.92
CA GLY A 27 -11.74 12.70 15.62
C GLY A 27 -10.75 13.82 15.51
N SER A 28 -9.47 13.59 15.81
CA SER A 28 -8.46 14.61 15.55
C SER A 28 -8.28 14.73 14.04
N PRO A 29 -7.85 15.88 13.56
CA PRO A 29 -7.71 16.03 12.10
C PRO A 29 -6.66 15.12 11.51
N ALA A 30 -6.95 14.58 10.34
CA ALA A 30 -5.94 13.88 9.57
C ALA A 30 -5.01 14.91 8.93
N GLY A 31 -4.03 14.44 8.18
CA GLY A 31 -3.08 15.38 7.61
C GLY A 31 -2.11 14.70 6.69
N TYR A 32 -1.07 15.44 6.34
CA TYR A 32 -0.06 14.94 5.41
C TYR A 32 1.23 15.70 5.65
N TYR A 33 2.35 15.06 5.33
CA TYR A 33 3.65 15.70 5.38
C TYR A 33 4.11 15.96 3.95
N LEU A 34 4.61 17.18 3.71
CA LEU A 34 4.92 17.59 2.34
C LEU A 34 6.32 18.20 2.26
N LYS A 35 7.07 17.81 1.22
CA LYS A 35 8.27 18.54 0.81
C LYS A 35 8.09 18.86 -0.67
N GLU A 36 7.93 20.13 -0.98
CA GLU A 36 7.77 20.53 -2.36
C GLU A 36 9.10 20.53 -3.09
N SER A 37 9.01 20.33 -4.41
CA SER A 37 10.16 20.44 -5.29
C SER A 37 9.68 21.29 -6.46
N ARG A 38 10.01 22.58 -6.40
CA ARG A 38 9.65 23.49 -7.47
C ARG A 38 10.30 23.05 -8.77
N GLY A 39 9.58 23.23 -9.87
CA GLY A 39 10.09 22.75 -11.12
C GLY A 39 9.94 21.27 -11.37
N SER A 40 9.58 20.45 -10.37
CA SER A 40 9.16 19.10 -10.68
C SER A 40 7.65 19.05 -10.83
N ARG A 41 7.21 18.36 -11.88
CA ARG A 41 5.79 18.08 -12.06
C ARG A 41 5.45 16.65 -11.68
N ARG A 42 6.32 15.97 -10.93
CA ARG A 42 6.02 14.65 -10.40
C ARG A 42 5.65 14.77 -8.93
N TRP A 43 4.59 14.06 -8.54
CA TRP A 43 4.10 14.07 -7.16
C TRP A 43 4.00 12.63 -6.70
N LEU A 44 4.63 12.35 -5.57
CA LEU A 44 4.56 11.02 -4.95
C LEU A 44 3.76 11.15 -3.66
N LEU A 45 2.63 10.45 -3.60
CA LEU A 45 1.77 10.44 -2.40
C LEU A 45 1.84 9.05 -1.82
N PHE A 46 2.46 8.93 -0.64
CA PHE A 46 2.71 7.64 -0.02
C PHE A 46 1.74 7.39 1.15
N LEU A 47 1.06 6.25 1.11
CA LEU A 47 0.14 5.78 2.14
C LEU A 47 0.88 4.87 3.12
N GLU A 48 1.00 5.34 4.36
CA GLU A 48 1.63 4.53 5.39
C GLU A 48 0.75 3.29 5.66
N GLY A 49 1.39 2.21 6.11
CA GLY A 49 0.70 1.02 6.56
C GLY A 49 0.67 0.88 8.08
N GLY A 50 0.28 -0.32 8.51
CA GLY A 50 0.20 -0.64 9.93
C GLY A 50 -1.03 -1.44 10.32
N TRP A 51 -1.33 -2.52 9.63
CA TRP A 51 -2.46 -3.42 9.94
C TRP A 51 -3.77 -2.62 9.91
N TYR A 52 -4.65 -2.83 10.90
CA TYR A 52 -6.04 -2.36 10.88
C TYR A 52 -6.65 -2.81 12.20
N CYS A 53 -7.86 -2.34 12.49
CA CYS A 53 -8.64 -2.90 13.60
C CYS A 53 -10.07 -2.99 13.12
N PHE A 54 -10.82 -3.94 13.67
CA PHE A 54 -12.12 -4.21 13.07
C PHE A 54 -13.29 -4.36 14.05
N ASN A 55 -13.08 -4.10 15.34
CA ASN A 55 -14.17 -4.05 16.31
C ASN A 55 -13.76 -3.10 17.44
N ARG A 56 -14.72 -2.79 18.30
CA ARG A 56 -14.45 -1.86 19.40
C ARG A 56 -13.31 -2.36 20.29
N GLU A 57 -13.31 -3.65 20.65
CA GLU A 57 -12.28 -4.11 21.57
C GLU A 57 -10.89 -4.03 20.98
N ASN A 58 -10.70 -4.51 19.73
CA ASN A 58 -9.34 -4.48 19.20
C ASN A 58 -8.93 -3.07 18.82
N CYS A 59 -9.89 -2.23 18.40
CA CYS A 59 -9.55 -0.82 18.19
C CYS A 59 -9.20 -0.11 19.49
N ASP A 60 -9.90 -0.44 20.59
CA ASP A 60 -9.55 0.16 21.87
C ASP A 60 -8.13 -0.23 22.29
N SER A 61 -7.75 -1.49 22.04
CA SER A 61 -6.39 -1.87 22.40
CA SER A 61 -6.39 -1.92 22.35
C SER A 61 -5.38 -1.13 21.54
N ARG A 62 -5.63 -1.03 20.24
CA ARG A 62 -4.77 -0.26 19.37
C ARG A 62 -4.67 1.19 19.82
N TYR A 63 -5.76 1.75 20.37
CA TYR A 63 -5.72 3.14 20.83
C TYR A 63 -4.81 3.31 22.03
N ASP A 64 -4.65 2.27 22.83
CA ASP A 64 -3.76 2.37 24.00
C ASP A 64 -2.30 2.33 23.67
N THR A 65 -1.91 1.51 22.72
CA THR A 65 -0.49 1.25 22.51
C THR A 65 -0.03 1.46 21.09
N MET A 66 -0.91 1.94 20.22
CA MET A 66 -0.55 2.31 18.85
C MET A 66 -1.30 3.57 18.45
N ARG A 67 -1.32 4.53 19.37
CA ARG A 67 -2.19 5.68 19.22
C ARG A 67 -1.83 6.58 18.05
N ARG A 68 -0.55 6.65 17.66
CA ARG A 68 -0.23 7.46 16.49
C ARG A 68 -0.91 6.94 15.23
N LEU A 69 -1.30 5.66 15.20
CA LEU A 69 -2.06 5.08 14.10
C LEU A 69 -3.57 5.33 14.23
N MET A 70 -3.98 6.13 15.21
CA MET A 70 -5.40 6.41 15.41
C MET A 70 -5.69 7.88 15.72
N SER A 71 -4.69 8.75 15.67
CA SER A 71 -4.83 10.09 16.21
C SER A 71 -3.66 10.90 15.70
N SER A 72 -3.88 12.20 15.48
CA SER A 72 -2.81 13.10 15.09
C SER A 72 -2.30 13.92 16.26
N ARG A 73 -2.86 13.72 17.45
CA ARG A 73 -2.55 14.61 18.56
C ARG A 73 -1.07 14.61 18.91
N ASP A 74 -0.37 13.51 18.70
CA ASP A 74 1.04 13.40 19.07
C ASP A 74 1.97 13.36 17.87
N TRP A 75 1.50 13.70 16.67
CA TRP A 75 2.36 13.65 15.50
C TRP A 75 3.43 14.75 15.58
N PRO A 76 4.64 14.46 15.14
CA PRO A 76 5.68 15.49 15.07
C PRO A 76 5.45 16.45 13.92
N ARG A 77 6.06 17.62 14.03
CA ARG A 77 5.89 18.66 13.03
C ARG A 77 6.58 18.31 11.71
N THR A 78 7.59 17.44 11.76
CA THR A 78 8.33 17.03 10.56
C THR A 78 8.59 15.54 10.60
N ARG A 79 8.90 15.01 9.41
CA ARG A 79 9.39 13.66 9.23
C ARG A 79 10.50 13.67 8.20
N THR A 80 11.43 12.73 8.30
CA THR A 80 12.50 12.62 7.31
C THR A 80 12.05 11.68 6.20
N GLY A 81 12.14 12.12 4.95
CA GLY A 81 11.81 11.23 3.84
C GLY A 81 12.92 10.22 3.65
N THR A 82 12.52 8.94 3.55
CA THR A 82 13.46 7.83 3.42
C THR A 82 13.05 6.96 2.24
N GLY A 83 14.05 6.26 1.70
CA GLY A 83 13.77 5.38 0.56
C GLY A 83 13.24 6.17 -0.61
N ILE A 84 12.11 5.71 -1.15
CA ILE A 84 11.48 6.37 -2.27
C ILE A 84 11.01 7.79 -1.92
N LEU A 85 10.87 8.12 -0.63
CA LEU A 85 10.57 9.49 -0.20
C LEU A 85 11.82 10.33 0.03
N SER A 86 13.01 9.79 -0.16
CA SER A 86 14.22 10.58 0.00
C SER A 86 14.42 11.51 -1.19
N SER A 87 14.91 12.71 -0.91
CA SER A 87 15.27 13.68 -1.93
C SER A 87 16.74 13.61 -2.32
N GLN A 88 17.49 12.63 -1.80
CA GLN A 88 18.88 12.44 -2.19
C GLN A 88 19.01 11.38 -3.27
N PRO A 89 19.59 11.70 -4.43
CA PRO A 89 19.69 10.70 -5.50
C PRO A 89 20.44 9.46 -5.07
N GLU A 90 21.36 9.60 -4.13
CA GLU A 90 22.09 8.43 -3.67
C GLU A 90 21.15 7.42 -3.01
N GLU A 91 20.14 7.90 -2.27
CA GLU A 91 19.25 6.98 -1.57
C GLU A 91 18.04 6.64 -2.44
N ASN A 92 17.71 7.51 -3.39
CA ASN A 92 16.50 7.40 -4.21
C ASN A 92 16.85 7.69 -5.66
N PRO A 93 17.44 6.71 -6.36
CA PRO A 93 17.78 6.94 -7.78
C PRO A 93 16.56 7.18 -8.63
N TYR A 94 15.38 6.80 -8.17
CA TYR A 94 14.18 6.84 -9.00
C TYR A 94 13.57 8.25 -9.08
N TRP A 95 13.06 8.77 -7.97
CA TRP A 95 12.29 10.02 -7.98
C TRP A 95 12.79 11.03 -6.97
N TRP A 96 14.11 11.18 -6.81
CA TRP A 96 14.64 12.05 -5.76
C TRP A 96 14.20 13.51 -5.90
N ASN A 97 13.88 13.97 -7.10
CA ASN A 97 13.50 15.37 -7.31
C ASN A 97 12.00 15.60 -7.27
N ALA A 98 11.21 14.59 -6.93
CA ALA A 98 9.77 14.73 -6.94
C ALA A 98 9.29 15.55 -5.74
N ASN A 99 8.06 16.07 -5.88
CA ASN A 99 7.30 16.56 -4.73
C ASN A 99 6.90 15.36 -3.89
N MET A 100 7.21 15.40 -2.58
CA MET A 100 7.08 14.23 -1.72
C MET A 100 5.96 14.46 -0.71
N VAL A 101 5.07 13.48 -0.60
CA VAL A 101 3.97 13.53 0.36
C VAL A 101 3.88 12.22 1.12
N PHE A 102 3.92 12.28 2.44
CA PHE A 102 3.70 11.12 3.29
C PHE A 102 2.37 11.32 4.01
N ILE A 103 1.43 10.40 3.81
CA ILE A 103 0.10 10.51 4.40
C ILE A 103 0.05 9.52 5.55
N PRO A 104 0.08 9.97 6.80
CA PRO A 104 0.00 9.02 7.91
C PRO A 104 -1.28 8.23 7.91
N TYR A 105 -1.15 6.97 8.31
CA TYR A 105 -2.27 6.04 8.43
C TYR A 105 -2.84 6.19 9.83
N CYS A 106 -3.99 6.83 9.96
CA CYS A 106 -4.62 7.02 11.26
C CYS A 106 -6.09 6.63 11.25
N SER A 107 -6.50 5.81 10.29
CA SER A 107 -7.88 5.40 10.15
C SER A 107 -8.10 3.89 10.33
N SER A 108 -7.03 3.07 10.38
CA SER A 108 -7.12 1.66 10.81
C SER A 108 -8.07 0.81 9.96
N ASP A 109 -8.28 1.23 8.70
CA ASP A 109 -9.34 0.70 7.84
C ASP A 109 -8.83 0.32 6.45
N VAL A 110 -7.53 0.14 6.31
CA VAL A 110 -6.85 -0.24 5.07
C VAL A 110 -7.22 0.84 4.03
N TRP A 111 -7.40 2.10 4.49
CA TRP A 111 -7.66 3.26 3.60
C TRP A 111 -9.00 3.13 2.87
N SER A 112 -9.95 2.40 3.46
CA SER A 112 -11.20 2.12 2.79
C SER A 112 -12.41 2.86 3.38
N GLY A 113 -12.26 3.46 4.54
CA GLY A 113 -13.43 3.91 5.28
C GLY A 113 -13.99 5.24 4.82
N ALA A 114 -15.29 5.40 5.08
CA ALA A 114 -15.98 6.67 4.85
C ALA A 114 -17.03 6.88 5.94
N SER A 115 -16.63 6.79 7.20
CA SER A 115 -17.57 6.97 8.29
C SER A 115 -16.99 7.91 9.36
N SER A 116 -17.83 8.81 9.87
CA SER A 116 -17.38 9.74 10.91
C SER A 116 -17.70 9.21 12.30
N LYS A 117 -16.99 9.74 13.29
CA LYS A 117 -17.38 9.53 14.67
C LYS A 117 -18.73 10.21 14.91
N SER A 118 -19.58 9.58 15.71
CA SER A 118 -20.94 10.06 15.92
C SER A 118 -21.46 9.44 17.20
N GLU A 119 -22.70 9.80 17.59
CA GLU A 119 -23.24 9.22 18.82
C GLU A 119 -23.31 7.70 18.72
N LYS A 120 -23.17 7.16 17.51
CA LYS A 120 -23.28 5.75 17.23
C LYS A 120 -21.96 5.07 16.89
N ASN A 121 -20.89 5.84 16.69
CA ASN A 121 -19.59 5.32 16.30
C ASN A 121 -18.54 5.89 17.25
N GLU A 122 -17.88 5.01 18.03
CA GLU A 122 -16.79 5.48 18.88
C GLU A 122 -15.64 6.06 18.07
N TYR A 123 -15.40 5.50 16.88
CA TYR A 123 -14.27 5.88 16.03
C TYR A 123 -14.76 6.28 14.66
N ALA A 124 -13.99 7.17 14.03
CA ALA A 124 -14.19 7.50 12.64
C ALA A 124 -13.29 6.60 11.79
N PHE A 125 -13.82 6.10 10.67
CA PHE A 125 -13.00 5.36 9.71
C PHE A 125 -13.11 6.09 8.38
N MET A 126 -12.11 6.93 8.08
CA MET A 126 -12.25 7.88 6.98
C MET A 126 -11.12 7.75 5.97
N GLY A 127 -10.43 6.61 5.93
CA GLY A 127 -9.26 6.49 5.06
C GLY A 127 -9.49 6.91 3.62
N ALA A 128 -10.58 6.49 3.02
CA ALA A 128 -10.82 6.83 1.62
C ALA A 128 -11.04 8.33 1.47
N LEU A 129 -11.69 8.95 2.44
CA LEU A 129 -11.90 10.40 2.41
C LEU A 129 -10.65 11.18 2.74
N ILE A 130 -9.78 10.65 3.58
CA ILE A 130 -8.50 11.31 3.85
C ILE A 130 -7.71 11.46 2.56
N ILE A 131 -7.63 10.39 1.77
CA ILE A 131 -6.89 10.49 0.51
C ILE A 131 -7.52 11.54 -0.39
N GLN A 132 -8.84 11.51 -0.54
CA GLN A 132 -9.51 12.49 -1.37
C GLN A 132 -9.22 13.92 -0.90
N GLU A 133 -9.23 14.14 0.44
CA GLU A 133 -9.07 15.49 0.93
C GLU A 133 -7.62 15.96 0.80
N VAL A 134 -6.66 15.06 1.02
CA VAL A 134 -5.27 15.39 0.77
C VAL A 134 -5.07 15.84 -0.68
N VAL A 135 -5.60 15.06 -1.62
CA VAL A 135 -5.44 15.42 -3.03
C VAL A 135 -6.06 16.79 -3.27
N ARG A 136 -7.28 17.03 -2.76
CA ARG A 136 -7.96 18.29 -2.98
C ARG A 136 -7.12 19.45 -2.46
N GLU A 137 -6.56 19.31 -1.25
CA GLU A 137 -5.80 20.43 -0.69
C GLU A 137 -4.45 20.60 -1.38
N LEU A 138 -3.85 19.53 -1.88
CA LEU A 138 -2.59 19.65 -2.60
C LEU A 138 -2.76 20.35 -3.94
N LEU A 139 -3.96 20.29 -4.54
CA LEU A 139 -4.14 20.92 -5.85
C LEU A 139 -3.81 22.40 -5.78
N GLY A 140 -4.14 23.04 -4.65
CA GLY A 140 -3.82 24.44 -4.42
C GLY A 140 -2.37 24.71 -4.03
N ARG A 141 -1.58 23.68 -3.80
CA ARG A 141 -0.18 23.79 -3.41
C ARG A 141 0.77 23.29 -4.50
N GLY A 142 0.30 23.23 -5.74
CA GLY A 142 1.13 22.87 -6.86
C GLY A 142 0.74 21.60 -7.58
N LEU A 143 -0.10 20.75 -6.97
CA LEU A 143 -0.48 19.52 -7.66
C LEU A 143 -1.30 19.79 -8.91
N SER A 144 -1.95 20.95 -9.01
CA SER A 144 -2.68 21.30 -10.22
C SER A 144 -1.77 21.30 -11.44
N GLY A 145 -0.47 21.54 -11.25
CA GLY A 145 0.46 21.55 -12.37
C GLY A 145 1.15 20.23 -12.61
N ALA A 146 0.73 19.17 -11.94
CA ALA A 146 1.42 17.89 -12.03
C ALA A 146 1.23 17.24 -13.40
N LYS A 147 2.24 16.47 -13.81
CA LYS A 147 2.08 15.54 -14.93
C LYS A 147 1.89 14.11 -14.50
N VAL A 148 2.47 13.71 -13.38
CA VAL A 148 2.27 12.36 -12.86
C VAL A 148 2.01 12.46 -11.36
N LEU A 149 0.98 11.75 -10.90
CA LEU A 149 0.72 11.57 -9.48
C LEU A 149 0.86 10.07 -9.26
N LEU A 150 1.91 9.67 -8.55
CA LEU A 150 2.13 8.27 -8.18
C LEU A 150 1.61 8.07 -6.77
N LEU A 151 0.54 7.30 -6.62
CA LEU A 151 -0.01 6.95 -5.32
C LEU A 151 0.67 5.64 -4.90
N ALA A 152 1.50 5.70 -3.88
CA ALA A 152 2.28 4.58 -3.43
C ALA A 152 1.86 4.23 -2.02
N GLY A 153 2.27 3.06 -1.53
CA GLY A 153 1.94 2.72 -0.14
C GLY A 153 2.53 1.38 0.20
N SER A 154 2.69 1.13 1.50
CA SER A 154 3.26 -0.15 1.97
C SER A 154 2.30 -0.86 2.93
N SER A 155 2.25 -2.21 2.82
CA SER A 155 1.42 -3.07 3.67
C SER A 155 -0.03 -2.63 3.51
N ALA A 156 -0.74 -2.25 4.58
CA ALA A 156 -2.12 -1.78 4.43
C ALA A 156 -2.20 -0.57 3.52
N GLY A 157 -1.12 0.23 3.44
CA GLY A 157 -1.06 1.32 2.47
C GLY A 157 -0.93 0.83 1.05
N GLY A 158 -0.25 -0.31 0.84
CA GLY A 158 -0.20 -0.89 -0.50
C GLY A 158 -1.56 -1.37 -0.94
N THR A 159 -2.27 -2.07 -0.07
CA THR A 159 -3.65 -2.42 -0.39
C THR A 159 -4.49 -1.16 -0.61
N GLY A 160 -4.23 -0.13 0.20
CA GLY A 160 -4.91 1.15 0.02
C GLY A 160 -4.70 1.77 -1.35
N VAL A 161 -3.51 1.57 -1.95
CA VAL A 161 -3.31 2.03 -3.32
C VAL A 161 -4.28 1.33 -4.25
N LEU A 162 -4.35 0.01 -4.14
CA LEU A 162 -5.25 -0.76 -5.01
C LEU A 162 -6.70 -0.31 -4.84
N LEU A 163 -7.10 -0.01 -3.62
CA LEU A 163 -8.47 0.39 -3.35
C LEU A 163 -8.76 1.81 -3.81
N ASN A 164 -7.77 2.67 -3.92
CA ASN A 164 -8.02 4.10 -4.10
C ASN A 164 -7.46 4.73 -5.37
N VAL A 165 -6.55 4.07 -6.09
CA VAL A 165 -5.90 4.72 -7.22
C VAL A 165 -6.92 5.16 -8.28
N ASP A 166 -7.89 4.30 -8.62
CA ASP A 166 -8.84 4.71 -9.63
C ASP A 166 -9.80 5.79 -9.12
N ARG A 167 -10.05 5.85 -7.81
CA ARG A 167 -10.86 6.93 -7.29
C ARG A 167 -10.13 8.26 -7.37
N VAL A 168 -8.83 8.27 -7.11
CA VAL A 168 -8.05 9.50 -7.28
C VAL A 168 -8.10 9.92 -8.74
N ALA A 169 -7.92 8.98 -9.66
CA ALA A 169 -7.99 9.31 -11.08
C ALA A 169 -9.34 9.94 -11.43
N GLU A 170 -10.43 9.36 -10.92
CA GLU A 170 -11.76 9.88 -11.20
C GLU A 170 -11.96 11.24 -10.55
N GLN A 171 -11.43 11.41 -9.34
CA GLN A 171 -11.54 12.68 -8.64
C GLN A 171 -10.90 13.81 -9.46
N LEU A 172 -9.69 13.55 -9.96
CA LEU A 172 -8.98 14.58 -10.72
C LEU A 172 -9.67 14.87 -12.04
N GLU A 173 -10.23 13.86 -12.70
CA GLU A 173 -10.96 14.11 -13.93
C GLU A 173 -12.17 14.98 -13.66
N LYS A 174 -12.92 14.65 -12.61
CA LYS A 174 -14.14 15.38 -12.28
C LYS A 174 -13.84 16.81 -11.85
N LEU A 175 -12.68 17.03 -11.23
CA LEU A 175 -12.27 18.36 -10.79
C LEU A 175 -11.69 19.18 -11.93
N GLY A 176 -11.51 18.58 -13.11
CA GLY A 176 -11.06 19.33 -14.27
C GLY A 176 -9.57 19.27 -14.50
N TYR A 177 -8.91 18.19 -14.07
CA TYR A 177 -7.48 18.01 -14.25
C TYR A 177 -7.22 16.72 -15.03
N PRO A 178 -7.66 16.64 -16.28
CA PRO A 178 -7.47 15.38 -17.03
C PRO A 178 -6.04 15.12 -17.49
N ALA A 179 -5.12 16.08 -17.36
CA ALA A 179 -3.74 15.90 -17.80
C ALA A 179 -2.86 15.26 -16.74
N ILE A 180 -3.32 15.14 -15.51
CA ILE A 180 -2.50 14.49 -14.49
C ILE A 180 -2.64 12.98 -14.67
N GLN A 181 -1.52 12.31 -14.90
CA GLN A 181 -1.57 10.86 -15.07
C GLN A 181 -1.45 10.23 -13.69
N VAL A 182 -2.48 9.53 -13.25
CA VAL A 182 -2.49 8.88 -11.94
C VAL A 182 -2.03 7.44 -12.10
N ARG A 183 -1.06 7.03 -11.28
CA ARG A 183 -0.51 5.69 -11.30
C ARG A 183 -0.38 5.21 -9.87
N GLY A 184 -0.29 3.90 -9.70
CA GLY A 184 -0.16 3.30 -8.38
C GLY A 184 1.11 2.48 -8.21
N LEU A 185 1.62 2.46 -6.98
CA LEU A 185 2.76 1.60 -6.60
C LEU A 185 2.35 0.93 -5.29
N ALA A 186 1.99 -0.34 -5.37
CA ALA A 186 1.49 -1.08 -4.22
C ALA A 186 2.60 -1.98 -3.69
N ASP A 187 3.16 -1.66 -2.52
CA ASP A 187 4.28 -2.40 -1.93
C ASP A 187 3.74 -3.25 -0.77
N SER A 188 3.97 -4.56 -0.82
CA SER A 188 3.66 -5.44 0.33
C SER A 188 2.19 -5.38 0.68
N GLY A 189 1.34 -5.16 -0.30
CA GLY A 189 -0.11 -5.08 -0.11
C GLY A 189 -0.88 -6.10 -0.91
N TRP A 190 -0.19 -7.12 -1.44
CA TRP A 190 -0.76 -8.11 -2.35
C TRP A 190 -0.84 -9.43 -1.59
N PHE A 191 -1.97 -9.68 -0.97
CA PHE A 191 -2.15 -10.79 -0.06
C PHE A 191 -3.01 -11.88 -0.68
N LEU A 192 -2.84 -13.10 -0.17
CA LEU A 192 -3.63 -14.24 -0.62
C LEU A 192 -4.61 -14.61 0.49
N ASP A 193 -5.86 -14.85 0.09
CA ASP A 193 -6.89 -15.38 0.98
C ASP A 193 -6.82 -16.90 0.99
N ASN A 194 -5.66 -17.39 1.41
CA ASN A 194 -5.34 -18.81 1.43
C ASN A 194 -5.67 -19.44 2.80
N LYS A 195 -5.54 -20.75 2.87
CA LYS A 195 -5.77 -21.44 4.14
C LYS A 195 -4.53 -21.32 5.03
N GLN A 196 -4.77 -21.16 6.33
CA GLN A 196 -3.68 -21.08 7.29
C GLN A 196 -2.94 -22.43 7.35
N TYR A 197 -1.67 -22.37 7.72
CA TYR A 197 -0.89 -23.56 7.95
C TYR A 197 -1.42 -24.33 9.15
N ARG A 198 -1.79 -23.61 10.22
CA ARG A 198 -2.52 -24.14 11.36
C ARG A 198 -3.61 -23.14 11.69
N HIS A 199 -4.79 -23.65 12.02
CA HIS A 199 -5.93 -22.79 12.25
C HIS A 199 -5.73 -21.99 13.54
N THR A 200 -5.95 -20.68 13.46
CA THR A 200 -6.10 -19.84 14.63
C THR A 200 -7.54 -19.39 14.72
N ASP A 201 -7.94 -18.97 15.92
CA ASP A 201 -9.31 -18.58 16.18
C ASP A 201 -9.50 -17.06 16.11
N CYS A 202 -8.91 -16.41 15.10
CA CYS A 202 -8.98 -14.97 14.91
C CYS A 202 -8.87 -14.22 16.23
N VAL A 203 -9.88 -13.43 16.58
CA VAL A 203 -9.87 -12.65 17.81
C VAL A 203 -8.83 -11.54 17.70
N ASP A 204 -7.56 -11.90 17.73
CA ASP A 204 -6.51 -10.92 17.53
C ASP A 204 -6.43 -10.52 16.06
N THR A 205 -5.60 -9.52 15.77
CA THR A 205 -5.52 -8.96 14.43
C THR A 205 -4.48 -9.67 13.55
N ILE A 206 -3.27 -9.86 14.06
CA ILE A 206 -2.17 -10.30 13.20
C ILE A 206 -2.37 -11.75 12.76
N THR A 207 -2.80 -12.63 13.66
CA THR A 207 -2.94 -14.04 13.31
C THR A 207 -4.35 -14.41 12.86
N CYS A 208 -5.23 -13.43 12.66
CA CYS A 208 -6.56 -13.74 12.14
C CYS A 208 -6.47 -13.98 10.63
N ALA A 209 -7.24 -14.95 10.15
CA ALA A 209 -7.41 -15.10 8.71
C ALA A 209 -7.97 -13.81 8.12
N PRO A 210 -7.36 -13.28 7.06
CA PRO A 210 -7.74 -11.93 6.58
C PRO A 210 -9.15 -11.82 5.98
N THR A 211 -9.70 -12.90 5.44
CA THR A 211 -11.03 -12.82 4.85
C THR A 211 -12.07 -12.42 5.89
N GLU A 212 -11.98 -12.99 7.10
CA GLU A 212 -12.96 -12.70 8.15
C GLU A 212 -12.71 -11.34 8.81
N ALA A 213 -11.44 -10.96 8.99
CA ALA A 213 -11.11 -9.65 9.53
C ALA A 213 -11.63 -8.52 8.64
N ILE A 214 -11.47 -8.68 7.32
CA ILE A 214 -11.91 -7.66 6.37
C ILE A 214 -13.42 -7.68 6.18
N ARG A 215 -14.05 -8.87 6.21
CA ARG A 215 -15.51 -8.87 6.13
C ARG A 215 -16.12 -8.13 7.31
N ARG A 216 -15.57 -8.34 8.51
CA ARG A 216 -16.04 -7.61 9.69
C ARG A 216 -15.71 -6.12 9.59
N GLY A 217 -14.49 -5.79 9.12
CA GLY A 217 -14.04 -4.40 9.08
C GLY A 217 -14.85 -3.52 8.15
N ILE A 218 -15.22 -4.08 6.98
CA ILE A 218 -16.00 -3.32 5.99
C ILE A 218 -17.28 -2.75 6.60
N ARG A 219 -18.04 -3.57 7.32
CA ARG A 219 -19.24 -3.02 7.95
C ARG A 219 -18.91 -2.10 9.11
N TYR A 220 -17.90 -2.44 9.91
CA TYR A 220 -17.51 -1.58 11.03
C TYR A 220 -17.04 -0.22 10.52
N TRP A 221 -16.35 -0.21 9.37
CA TRP A 221 -15.75 0.99 8.83
C TRP A 221 -16.64 1.72 7.83
N ASN A 222 -17.72 1.11 7.38
CA ASN A 222 -18.40 1.54 6.15
C ASN A 222 -17.39 1.60 5.00
N GLY A 223 -16.72 0.47 4.76
CA GLY A 223 -15.60 0.46 3.82
C GLY A 223 -16.07 0.46 2.38
N VAL A 224 -15.33 1.16 1.52
CA VAL A 224 -15.69 1.27 0.12
C VAL A 224 -14.59 0.66 -0.72
N VAL A 225 -14.97 0.12 -1.86
CA VAL A 225 -14.04 -0.56 -2.76
C VAL A 225 -14.21 0.02 -4.16
N PRO A 226 -13.29 -0.24 -5.07
CA PRO A 226 -13.43 0.32 -6.42
C PRO A 226 -14.69 -0.18 -7.11
N GLU A 227 -15.26 0.68 -7.95
CA GLU A 227 -16.61 0.42 -8.47
C GLU A 227 -16.68 -0.84 -9.32
N ARG A 228 -15.74 -1.05 -10.25
CA ARG A 228 -15.83 -2.23 -11.10
C ARG A 228 -15.72 -3.50 -10.28
N CYS A 229 -14.83 -3.51 -9.29
CA CYS A 229 -14.72 -4.69 -8.46
C CYS A 229 -15.97 -4.89 -7.62
N ARG A 230 -16.55 -3.80 -7.10
CA ARG A 230 -17.81 -3.91 -6.37
C ARG A 230 -18.89 -4.51 -7.24
N ARG A 231 -18.95 -4.11 -8.52
CA ARG A 231 -19.99 -4.60 -9.40
C ARG A 231 -19.82 -6.07 -9.72
N GLN A 232 -18.59 -6.56 -9.73
CA GLN A 232 -18.37 -8.00 -9.92
C GLN A 232 -18.80 -8.80 -8.69
N PHE A 233 -18.34 -8.40 -7.51
CA PHE A 233 -18.51 -9.25 -6.32
C PHE A 233 -19.85 -9.03 -5.65
N GLN A 234 -20.39 -7.82 -5.73
CA GLN A 234 -21.70 -7.39 -5.24
C GLN A 234 -21.81 -7.37 -3.73
N GLU A 235 -23.00 -6.99 -3.25
CA GLU A 235 -23.24 -6.79 -1.83
C GLU A 235 -22.88 -8.02 -1.00
N GLY A 236 -22.24 -7.77 0.13
CA GLY A 236 -21.82 -8.79 1.05
C GLY A 236 -20.50 -9.44 0.69
N GLU A 237 -19.98 -9.19 -0.51
CA GLU A 237 -18.77 -9.86 -0.97
C GLU A 237 -17.68 -8.87 -1.34
N GLU A 238 -17.80 -7.62 -0.92
CA GLU A 238 -16.79 -6.63 -1.28
C GLU A 238 -15.46 -6.88 -0.62
N TRP A 239 -15.40 -7.69 0.42
CA TRP A 239 -14.12 -8.07 1.01
C TRP A 239 -13.15 -8.63 -0.03
N ASN A 240 -13.69 -9.26 -1.08
CA ASN A 240 -12.83 -9.82 -2.13
C ASN A 240 -11.93 -8.77 -2.73
N CYS A 241 -12.38 -7.53 -2.78
CA CYS A 241 -11.64 -6.45 -3.44
C CYS A 241 -10.43 -6.00 -2.65
N PHE A 242 -10.24 -6.48 -1.44
CA PHE A 242 -9.03 -6.19 -0.67
C PHE A 242 -7.88 -7.13 -1.01
N PHE A 243 -8.13 -8.11 -1.91
CA PHE A 243 -7.12 -9.09 -2.30
C PHE A 243 -6.64 -8.71 -3.69
N GLY A 244 -5.37 -8.34 -3.76
CA GLY A 244 -4.79 -7.78 -4.99
C GLY A 244 -5.10 -8.55 -6.25
N TYR A 245 -4.96 -9.86 -6.23
CA TYR A 245 -5.16 -10.63 -7.45
C TYR A 245 -6.59 -10.56 -7.97
N LYS A 246 -7.56 -10.20 -7.11
CA LYS A 246 -8.96 -10.03 -7.51
C LYS A 246 -9.29 -8.60 -7.89
N VAL A 247 -8.71 -7.62 -7.22
CA VAL A 247 -9.01 -6.22 -7.54
C VAL A 247 -8.17 -5.71 -8.70
N TYR A 248 -6.90 -6.09 -8.78
CA TYR A 248 -6.03 -5.56 -9.84
C TYR A 248 -6.60 -5.65 -11.24
N PRO A 249 -7.18 -6.75 -11.67
CA PRO A 249 -7.64 -6.81 -13.08
C PRO A 249 -8.78 -5.86 -13.37
N THR A 250 -9.42 -5.33 -12.33
CA THR A 250 -10.52 -4.39 -12.52
C THR A 250 -10.06 -2.94 -12.64
N LEU A 251 -8.77 -2.66 -12.39
CA LEU A 251 -8.30 -1.28 -12.34
C LEU A 251 -7.88 -0.77 -13.71
N ARG A 252 -8.11 0.52 -13.91
CA ARG A 252 -7.70 1.16 -15.16
C ARG A 252 -6.38 1.91 -15.05
N SER A 253 -6.01 2.42 -13.89
CA SER A 253 -4.76 3.15 -13.75
C SER A 253 -3.60 2.16 -13.79
N PRO A 254 -2.45 2.54 -14.35
CA PRO A 254 -1.26 1.69 -14.26
C PRO A 254 -0.85 1.49 -12.81
N VAL A 255 -0.58 0.23 -12.43
CA VAL A 255 -0.16 -0.10 -11.08
C VAL A 255 1.04 -1.04 -11.12
N PHE A 256 2.10 -0.65 -10.44
CA PHE A 256 3.30 -1.44 -10.28
C PHE A 256 3.20 -2.17 -8.94
N VAL A 257 3.36 -3.48 -8.93
CA VAL A 257 3.18 -4.29 -7.71
C VAL A 257 4.53 -4.77 -7.21
N VAL A 258 4.86 -4.43 -5.97
CA VAL A 258 6.06 -4.92 -5.30
C VAL A 258 5.59 -5.86 -4.23
N GLN A 259 6.08 -7.10 -4.23
CA GLN A 259 5.63 -8.05 -3.20
C GLN A 259 6.70 -9.11 -2.97
N TRP A 260 7.18 -9.23 -1.73
CA TRP A 260 8.03 -10.35 -1.40
C TRP A 260 7.23 -11.62 -1.61
N LEU A 261 7.86 -12.66 -2.15
CA LEU A 261 7.12 -13.91 -2.34
C LEU A 261 6.76 -14.56 -1.01
N PHE A 262 7.55 -14.30 0.04
CA PHE A 262 7.31 -14.87 1.35
C PHE A 262 7.15 -13.73 2.34
N ASP A 263 6.09 -12.95 2.15
CA ASP A 263 5.90 -11.77 2.98
C ASP A 263 5.63 -12.16 4.43
N GLU A 264 6.31 -11.52 5.37
CA GLU A 264 6.15 -11.91 6.76
C GLU A 264 4.73 -11.71 7.26
N ALA A 265 4.02 -10.67 6.80
CA ALA A 265 2.64 -10.48 7.24
C ALA A 265 1.73 -11.55 6.66
N GLN A 266 1.97 -11.97 5.41
CA GLN A 266 1.24 -13.11 4.87
C GLN A 266 1.48 -14.35 5.72
N LEU A 267 2.75 -14.62 6.11
CA LEU A 267 3.02 -15.79 6.93
C LEU A 267 2.36 -15.66 8.29
N THR A 268 2.37 -14.46 8.88
CA THR A 268 1.70 -14.23 10.16
C THR A 268 0.21 -14.57 10.10
N VAL A 269 -0.51 -14.04 9.12
CA VAL A 269 -1.94 -14.33 9.04
C VAL A 269 -2.16 -15.79 8.71
N ASP A 270 -1.17 -16.46 8.10
CA ASP A 270 -1.23 -17.89 7.86
C ASP A 270 -0.82 -18.72 9.05
N ASN A 271 -0.48 -18.08 10.18
CA ASN A 271 -0.06 -18.78 11.40
C ASN A 271 1.19 -19.62 11.18
N VAL A 272 2.18 -19.06 10.47
CA VAL A 272 3.50 -19.65 10.30
C VAL A 272 4.50 -18.83 11.09
N HIS A 273 5.31 -19.49 11.91
CA HIS A 273 6.30 -18.83 12.76
C HIS A 273 7.62 -19.59 12.66
N LEU A 274 8.57 -19.00 11.95
CA LEU A 274 9.87 -19.63 11.75
C LEU A 274 10.86 -19.22 12.84
N PRO A 278 14.94 -26.81 12.26
CA PRO A 278 14.74 -27.41 10.94
C PRO A 278 13.26 -27.56 10.55
N VAL A 279 12.97 -27.09 9.36
CA VAL A 279 11.61 -27.06 8.83
C VAL A 279 11.26 -28.45 8.32
N GLN A 280 10.14 -28.99 8.78
CA GLN A 280 9.77 -30.33 8.34
C GLN A 280 8.89 -30.28 7.10
N GLU A 281 8.61 -31.46 6.55
CA GLU A 281 8.06 -31.55 5.20
C GLU A 281 6.76 -30.77 5.03
N GLY A 282 5.82 -30.88 5.98
CA GLY A 282 4.55 -30.19 5.80
C GLY A 282 4.70 -28.68 5.67
N LEU A 283 5.53 -28.08 6.52
CA LEU A 283 5.75 -26.65 6.44
C LEU A 283 6.58 -26.30 5.22
N ARG A 284 7.55 -27.13 4.86
CA ARG A 284 8.32 -26.87 3.65
C ARG A 284 7.38 -26.78 2.46
N LEU A 285 6.51 -27.78 2.31
CA LEU A 285 5.57 -27.77 1.19
C LEU A 285 4.64 -26.57 1.27
N TYR A 286 4.18 -26.23 2.48
CA TYR A 286 3.31 -25.05 2.62
C TYR A 286 4.00 -23.79 2.11
N ILE A 287 5.25 -23.57 2.54
CA ILE A 287 5.97 -22.37 2.15
C ILE A 287 6.24 -22.37 0.65
N GLN A 288 6.68 -23.51 0.11
CA GLN A 288 6.94 -23.57 -1.33
C GLN A 288 5.68 -23.31 -2.13
N ASN A 289 4.55 -23.86 -1.68
N ASN A 289 4.55 -23.89 -1.68
CA ASN A 289 3.29 -23.63 -2.38
CA ASN A 289 3.26 -23.64 -2.30
C ASN A 289 2.85 -22.17 -2.28
C ASN A 289 2.91 -22.16 -2.29
N LEU A 290 3.13 -21.50 -1.15
CA LEU A 290 2.79 -20.08 -1.04
C LEU A 290 3.57 -19.26 -2.06
N GLY A 291 4.87 -19.51 -2.17
CA GLY A 291 5.64 -18.78 -3.15
C GLY A 291 5.16 -19.04 -4.56
N ARG A 292 4.82 -20.29 -4.88
CA ARG A 292 4.31 -20.61 -6.21
C ARG A 292 2.99 -19.95 -6.48
N GLU A 293 2.09 -19.93 -5.48
CA GLU A 293 0.81 -19.26 -5.69
C GLU A 293 1.00 -17.79 -5.93
N LEU A 294 1.89 -17.16 -5.17
CA LEU A 294 2.02 -15.73 -5.32
C LEU A 294 2.66 -15.42 -6.68
N ARG A 295 3.67 -16.22 -7.10
CA ARG A 295 4.23 -16.09 -8.44
C ARG A 295 3.14 -16.24 -9.50
N HIS A 296 2.23 -17.21 -9.32
CA HIS A 296 1.17 -17.41 -10.30
C HIS A 296 0.29 -16.17 -10.41
N THR A 297 -0.07 -15.56 -9.27
CA THR A 297 -0.94 -14.39 -9.31
C THR A 297 -0.28 -13.20 -9.99
N LEU A 298 1.05 -13.18 -10.08
CA LEU A 298 1.74 -12.06 -10.70
C LEU A 298 2.09 -12.32 -12.16
N LYS A 299 1.79 -13.50 -12.70
CA LYS A 299 2.27 -13.88 -14.02
C LYS A 299 1.81 -12.86 -15.07
N ASP A 300 0.60 -12.36 -14.95
CA ASP A 300 0.00 -11.43 -15.90
C ASP A 300 -0.07 -10.00 -15.34
N VAL A 301 0.83 -9.67 -14.41
CA VAL A 301 0.98 -8.30 -13.94
C VAL A 301 2.24 -7.75 -14.60
N PRO A 302 2.12 -6.88 -15.61
CA PRO A 302 3.32 -6.53 -16.39
C PRO A 302 4.35 -5.71 -15.62
N ALA A 303 3.96 -4.94 -14.62
CA ALA A 303 4.90 -4.10 -13.89
C ALA A 303 4.90 -4.65 -12.47
N SER A 304 5.95 -5.40 -12.14
CA SER A 304 5.98 -6.03 -10.83
C SER A 304 7.41 -6.35 -10.43
N PHE A 305 7.64 -6.45 -9.12
CA PHE A 305 8.96 -6.75 -8.56
C PHE A 305 8.70 -7.64 -7.36
N ALA A 306 9.06 -8.91 -7.45
CA ALA A 306 8.65 -9.92 -6.47
C ALA A 306 9.83 -10.82 -6.15
N PRO A 307 10.67 -10.41 -5.22
CA PRO A 307 11.85 -11.20 -4.86
C PRO A 307 11.52 -12.33 -3.90
N ALA A 308 12.28 -13.42 -4.03
CA ALA A 308 12.08 -14.62 -3.21
C ALA A 308 12.77 -14.43 -1.86
N CYS A 309 12.15 -13.60 -1.01
CA CYS A 309 12.67 -13.28 0.32
C CYS A 309 11.56 -13.37 1.34
N LEU A 310 11.96 -13.70 2.56
CA LEU A 310 11.14 -13.59 3.77
C LEU A 310 11.43 -12.21 4.35
N SER A 311 10.49 -11.27 4.17
CA SER A 311 10.72 -9.87 4.61
C SER A 311 9.37 -9.15 4.58
N HIS A 312 9.37 -7.81 4.64
CA HIS A 312 8.12 -7.06 4.76
C HIS A 312 8.32 -5.59 4.50
N GLU A 313 7.63 -5.08 3.47
CA GLU A 313 7.72 -3.70 2.95
C GLU A 313 9.10 -3.50 2.34
N ILE A 314 9.26 -2.44 1.55
CA ILE A 314 10.50 -2.19 0.82
C ILE A 314 10.68 -0.70 0.54
N ILE A 315 9.61 -0.02 0.13
CA ILE A 315 9.90 1.19 -0.60
C ILE A 315 10.37 2.37 0.28
N ILE A 316 10.02 2.51 1.56
CA ILE A 316 10.51 3.66 2.34
C ILE A 316 11.70 3.34 3.24
N ARG A 317 12.27 2.15 3.11
CA ARG A 317 13.49 1.91 3.88
C ARG A 317 14.72 2.43 3.15
N SER A 318 15.70 2.88 3.92
CA SER A 318 16.84 3.59 3.34
C SER A 318 17.64 2.71 2.38
N HIS A 319 17.71 1.41 2.62
CA HIS A 319 18.47 0.52 1.75
C HIS A 319 17.61 -0.20 0.72
N TRP A 320 16.48 0.39 0.36
CA TRP A 320 15.61 -0.23 -0.64
C TRP A 320 16.28 -0.47 -1.98
N THR A 321 17.38 0.23 -2.27
CA THR A 321 18.13 0.09 -3.50
C THR A 321 18.86 -1.23 -3.63
N ASP A 322 19.02 -1.99 -2.54
CA ASP A 322 19.97 -3.10 -2.52
C ASP A 322 19.43 -4.36 -3.19
N VAL A 323 18.15 -4.65 -3.06
CA VAL A 323 17.64 -5.92 -3.58
CA VAL A 323 17.57 -5.89 -3.58
C VAL A 323 17.52 -5.85 -5.10
N GLN A 324 17.81 -6.97 -5.74
CA GLN A 324 17.71 -7.09 -7.20
C GLN A 324 17.02 -8.39 -7.55
N VAL A 325 16.27 -8.38 -8.66
CA VAL A 325 15.70 -9.57 -9.26
C VAL A 325 16.30 -9.65 -10.66
N LYS A 326 16.92 -10.78 -10.98
CA LYS A 326 17.54 -10.96 -12.28
C LYS A 326 18.50 -9.82 -12.59
N GLY A 327 19.18 -9.34 -11.55
CA GLY A 327 20.16 -8.28 -11.71
C GLY A 327 19.62 -6.86 -11.82
N THR A 328 18.33 -6.63 -11.60
CA THR A 328 17.73 -5.31 -11.74
C THR A 328 17.16 -4.89 -10.38
N SER A 329 17.53 -3.69 -9.92
CA SER A 329 17.00 -3.18 -8.66
C SER A 329 15.60 -2.62 -8.85
N LEU A 330 14.89 -2.42 -7.72
CA LEU A 330 13.57 -1.80 -7.78
C LEU A 330 13.62 -0.37 -8.30
N PRO A 331 14.51 0.51 -7.85
CA PRO A 331 14.57 1.83 -8.47
C PRO A 331 14.76 1.78 -9.97
N ARG A 332 15.59 0.85 -10.46
CA ARG A 332 15.75 0.71 -11.90
C ARG A 332 14.46 0.26 -12.55
N ALA A 333 13.80 -0.75 -11.99
CA ALA A 333 12.56 -1.25 -12.57
C ALA A 333 11.50 -0.15 -12.63
N LEU A 334 11.40 0.67 -11.56
CA LEU A 334 10.46 1.77 -11.57
C LEU A 334 10.81 2.80 -12.66
N HIS A 335 12.10 3.11 -12.81
CA HIS A 335 12.51 3.97 -13.92
C HIS A 335 12.12 3.36 -15.26
N CYS A 336 12.32 2.06 -15.44
CA CYS A 336 11.93 1.41 -16.69
C CYS A 336 10.42 1.50 -16.90
N TRP A 337 9.66 1.39 -15.80
CA TRP A 337 8.21 1.57 -15.87
C TRP A 337 7.86 2.96 -16.35
N ASP A 338 8.50 4.00 -15.79
CA ASP A 338 8.27 5.36 -16.27
C ASP A 338 8.52 5.43 -17.78
N ARG A 339 9.62 4.84 -18.24
CA ARG A 339 9.92 4.90 -19.67
C ARG A 339 8.84 4.19 -20.46
N SER A 340 8.35 3.06 -19.96
CA SER A 340 7.33 2.30 -20.69
C SER A 340 6.02 3.06 -20.81
N LEU A 341 5.78 4.04 -19.95
CA LEU A 341 4.55 4.81 -19.95
C LEU A 341 4.70 6.14 -20.67
N HIS A 342 5.85 6.38 -21.27
CA HIS A 342 6.01 7.52 -22.17
C HIS A 342 5.06 7.38 -23.36
N ASP A 343 4.88 8.49 -24.09
CA ASP A 343 4.09 8.45 -25.30
C ASP A 343 4.54 7.33 -26.24
N SER A 344 3.96 6.15 -26.06
CA SER A 344 4.34 5.00 -26.87
C SER A 344 3.36 3.84 -26.69
N THR A 350 5.66 -2.32 -26.36
CA THR A 350 6.96 -2.85 -26.75
C THR A 350 8.01 -2.72 -25.65
N PRO A 351 8.59 -3.85 -25.26
CA PRO A 351 9.57 -3.82 -24.15
C PRO A 351 10.83 -3.07 -24.54
N LEU A 352 11.57 -2.68 -23.50
CA LEU A 352 12.75 -1.84 -23.62
C LEU A 352 14.02 -2.66 -23.43
N LYS A 353 15.01 -2.40 -24.28
CA LYS A 353 16.26 -3.13 -24.23
C LYS A 353 16.96 -2.94 -22.89
N GLY A 354 17.15 -4.03 -22.18
CA GLY A 354 17.84 -3.99 -20.91
C GLY A 354 17.18 -3.15 -19.84
N CYS A 355 15.87 -2.89 -19.91
CA CYS A 355 15.26 -2.08 -18.87
C CYS A 355 13.90 -2.73 -18.60
N PRO A 356 13.92 -3.81 -17.84
CA PRO A 356 12.72 -4.64 -17.65
C PRO A 356 11.81 -4.08 -16.58
N VAL A 357 10.54 -4.47 -16.68
CA VAL A 357 9.53 -4.00 -15.72
C VAL A 357 8.83 -5.15 -15.03
N HIS A 358 8.91 -6.38 -15.54
CA HIS A 358 8.31 -7.55 -14.92
C HIS A 358 9.43 -8.40 -14.33
N LEU A 359 9.54 -8.40 -13.01
CA LEU A 359 10.71 -9.01 -12.34
C LEU A 359 10.20 -9.87 -11.19
N VAL A 360 9.97 -11.15 -11.45
CA VAL A 360 9.44 -12.07 -10.45
C VAL A 360 10.42 -13.22 -10.30
N ASP A 361 10.89 -13.47 -9.07
CA ASP A 361 11.81 -14.57 -8.88
C ASP A 361 11.11 -15.90 -9.11
N SER A 362 11.85 -16.86 -9.63
CA SER A 362 11.35 -18.20 -9.81
C SER A 362 11.92 -19.19 -8.81
N CYS A 363 12.90 -18.81 -8.03
CA CYS A 363 13.45 -19.82 -7.12
C CYS A 363 12.51 -20.01 -5.93
N PRO A 364 12.50 -21.20 -5.31
CA PRO A 364 11.31 -21.59 -4.54
C PRO A 364 11.39 -21.47 -3.03
N TRP A 365 12.44 -20.86 -2.47
CA TRP A 365 12.63 -20.85 -1.01
C TRP A 365 13.14 -19.48 -0.58
N PRO A 366 12.72 -18.96 0.57
CA PRO A 366 13.27 -17.69 1.02
C PRO A 366 14.79 -17.61 1.07
N HIS A 367 15.28 -16.55 0.47
CA HIS A 367 16.64 -16.06 0.46
C HIS A 367 17.43 -16.90 -0.58
N CYS A 368 16.71 -17.57 -1.49
CA CYS A 368 17.33 -18.15 -2.67
CA CYS A 368 17.35 -18.16 -2.66
C CYS A 368 17.84 -17.08 -3.61
N ASN A 369 17.35 -15.86 -3.45
CA ASN A 369 17.91 -14.65 -4.07
C ASN A 369 18.98 -14.11 -3.12
N PRO A 370 20.24 -14.02 -3.54
CA PRO A 370 21.29 -13.62 -2.61
C PRO A 370 21.17 -12.17 -2.15
N SER A 371 20.38 -11.34 -2.84
CA SER A 371 20.27 -9.93 -2.50
C SER A 371 19.18 -9.64 -1.49
N CYS A 372 18.51 -10.65 -0.96
CA CYS A 372 17.45 -10.43 0.02
C CYS A 372 17.98 -9.66 1.23
N PRO A 373 17.10 -8.88 1.87
CA PRO A 373 17.51 -8.14 3.08
C PRO A 373 18.03 -9.10 4.14
N THR A 374 19.04 -8.65 4.86
CA THR A 374 19.63 -9.46 5.90
C THR A 374 18.75 -9.30 7.13
C1 NAG B . -15.07 18.29 4.24
C2 NAG B . -15.85 18.99 3.13
C3 NAG B . -17.22 18.34 2.93
C4 NAG B . -17.09 16.83 2.79
C5 NAG B . -16.28 16.25 3.94
C6 NAG B . -16.02 14.78 3.79
C7 NAG B . -15.17 21.34 2.94
C8 NAG B . -15.49 22.76 3.33
N2 NAG B . -16.00 20.41 3.41
O3 NAG B . -17.75 18.87 1.72
O4 NAG B . -18.39 16.23 2.79
O5 NAG B . -15.00 16.89 3.98
O6 NAG B . -15.28 14.51 2.60
O7 NAG B . -14.21 21.06 2.22
S SO4 C . -17.75 -1.25 -17.16
O1 SO4 C . -18.12 -1.61 -18.53
O2 SO4 C . -17.10 0.06 -17.15
O3 SO4 C . -18.95 -1.19 -16.31
O4 SO4 C . -16.84 -2.26 -16.63
S SO4 D . 18.44 3.56 -18.95
O1 SO4 D . 18.76 2.24 -19.46
O2 SO4 D . 19.36 4.48 -19.62
O3 SO4 D . 18.71 3.59 -17.51
O4 SO4 D . 17.05 3.95 -19.19
S SO4 E . -18.27 1.15 18.66
O1 SO4 E . -19.02 2.28 18.11
O2 SO4 E . -16.86 1.29 18.26
O3 SO4 E . -18.43 1.05 20.11
O4 SO4 E . -18.79 -0.06 18.02
S SO4 F . 2.41 26.88 4.81
O1 SO4 F . 3.30 25.96 4.10
O2 SO4 F . 2.76 28.26 4.46
O3 SO4 F . 2.58 26.70 6.25
O4 SO4 F . 1.03 26.62 4.44
S DMS G . -3.06 -2.15 -14.59
O DMS G . -1.67 -1.61 -14.34
C1 DMS G . -4.03 -2.21 -13.05
C2 DMS G . -4.00 -0.97 -15.59
C1 EDO H . 8.31 9.24 6.24
O1 EDO H . 9.22 9.66 7.26
C2 EDO H . 8.83 7.95 5.64
O2 EDO H . 10.03 8.22 4.93
C1 EDO I . -12.41 8.45 21.64
O1 EDO I . -12.24 8.15 20.24
C2 EDO I . -11.22 7.87 22.40
O2 EDO I . -11.22 6.45 22.26
S SO4 J . 6.04 -26.19 12.92
O1 SO4 J . 5.41 -27.15 12.01
O2 SO4 J . 7.41 -25.95 12.48
O3 SO4 J . 5.30 -24.93 12.92
O4 SO4 J . 6.06 -26.76 14.28
S SO4 K . 12.87 6.46 -23.96
O1 SO4 K . 11.92 7.34 -24.64
O2 SO4 K . 14.19 6.63 -24.54
O3 SO4 K . 12.42 5.08 -24.13
O4 SO4 K . 12.91 6.81 -22.56
C1 EDO L . 3.40 -20.31 -13.07
O1 EDO L . 1.98 -20.46 -13.11
C2 EDO L . 3.74 -18.88 -12.67
O2 EDO L . 4.87 -18.42 -13.44
C1 EDO M . 13.69 12.86 -9.51
O1 EDO M . 12.38 12.93 -10.05
C2 EDO M . 14.56 12.08 -10.47
O2 EDO M . 13.64 11.65 -11.45
C1 EDO N . -10.81 23.98 -11.48
O1 EDO N . -10.13 25.22 -11.28
C2 EDO N . -10.12 23.27 -12.64
O2 EDO N . -10.53 23.76 -13.90
H11 EDO N . -11.86 24.16 -11.71
H12 EDO N . -10.76 23.38 -10.58
HO1 EDO N . -10.31 25.81 -12.03
H21 EDO N . -10.35 22.21 -12.57
H22 EDO N . -9.04 23.40 -12.53
HO2 EDO N . -9.81 23.63 -14.53
C03 RW8 O . 0.65 -4.01 6.92
C05 RW8 O . 0.41 -5.29 7.70
C06 RW8 O . -0.25 -6.44 6.94
C07 RW8 O . -1.54 -6.06 6.28
C10 RW8 O . -2.10 -8.54 6.02
C11 RW8 O . -3.31 -9.29 5.52
C12 RW8 O . -4.11 -8.23 4.79
C13 RW8 O . -5.23 -8.38 3.97
C14 RW8 O . -5.80 -7.25 3.38
C15 RW8 O . -5.23 -5.99 3.62
C16 RW8 O . -4.13 -5.82 4.43
C17 RW8 O . -3.60 -6.96 5.05
N09 RW8 O . -2.39 -7.11 5.86
O04 RW8 O . 0.32 -2.95 7.28
O08 RW8 O . -1.83 -4.92 6.10
#